data_5ZNQ
#
_entry.id   5ZNQ
#
_cell.length_a   48.685
_cell.length_b   86.770
_cell.length_c   48.688
_cell.angle_alpha   90.000
_cell.angle_beta   104.830
_cell.angle_gamma   90.000
#
_symmetry.space_group_name_H-M   'P 1 21 1'
#
loop_
_entity.id
_entity.type
_entity.pdbx_description
1 polymer 'Adenine phosphoribosyltransferase'
2 non-polymer ADENINE
3 non-polymer 'SODIUM ION'
4 non-polymer 'CHLORIDE ION'
5 water water
#
_entity_poly.entity_id   1
_entity_poly.type   'polypeptide(L)'
_entity_poly.pdbx_seq_one_letter_code
;MTVSASKTAQQLKYIKDSIKTIPDYPKAGILFRDVTSLLENPKAYSASIELLSEHYSESGVTKVVGTEARGFLFGAPVAL
ALGVGFVPVRKPGKLPRETISESYELEYGTDTLEIHTDSIQPGDKVLVVDDLLATGGTIEATVKLIRRLGGEVVHAAFII
NLPELGGEARLTQQGIHCYSLVSFDGH
;
_entity_poly.pdbx_strand_id   A,B
#
loop_
_chem_comp.id
_chem_comp.type
_chem_comp.name
_chem_comp.formula
ADE non-polymer ADENINE 'C5 H5 N5'
CL non-polymer 'CHLORIDE ION' 'Cl -1'
NA non-polymer 'SODIUM ION' 'Na 1'
#
# COMPACT_ATOMS: atom_id res chain seq x y z
N ALA A 5 19.36 13.83 20.22
CA ALA A 5 18.71 14.98 20.91
C ALA A 5 17.19 14.72 21.09
N SER A 6 16.42 15.35 20.21
CA SER A 6 14.97 15.29 20.23
CA SER A 6 14.97 15.28 20.28
C SER A 6 14.52 13.85 19.91
N LYS A 7 13.23 13.57 20.10
N LYS A 7 13.23 13.57 20.12
CA LYS A 7 12.64 12.30 19.66
CA LYS A 7 12.60 12.33 19.63
C LYS A 7 12.80 12.14 18.14
C LYS A 7 12.95 12.17 18.16
N THR A 8 12.78 13.26 17.41
CA THR A 8 12.96 13.27 15.94
CA THR A 8 12.97 13.29 15.94
C THR A 8 14.38 12.89 15.49
N ALA A 9 15.39 13.38 16.18
CA ALA A 9 16.76 13.04 15.77
C ALA A 9 17.13 11.59 16.04
N GLN A 10 16.68 11.04 17.16
CA GLN A 10 16.91 9.63 17.44
C GLN A 10 16.19 8.73 16.36
N GLN A 11 14.92 9.06 16.12
CA GLN A 11 14.06 8.34 15.17
C GLN A 11 14.69 8.41 13.76
N LEU A 12 15.09 9.60 13.31
CA LEU A 12 15.76 9.71 11.95
C LEU A 12 16.97 8.78 11.82
N LYS A 13 17.79 8.72 12.89
CA LYS A 13 18.94 7.83 12.91
C LYS A 13 18.54 6.35 12.87
N TYR A 14 17.51 5.96 13.60
CA TYR A 14 17.13 4.58 13.67
C TYR A 14 16.55 4.16 12.27
N ILE A 15 15.79 5.08 11.70
CA ILE A 15 15.22 4.89 10.35
C ILE A 15 16.33 4.61 9.34
N LYS A 16 17.28 5.52 9.21
CA LYS A 16 18.35 5.32 8.24
C LYS A 16 19.03 3.98 8.51
N ASP A 17 19.41 3.72 9.76
CA ASP A 17 20.05 2.41 10.03
C ASP A 17 19.16 1.18 9.69
N SER A 18 17.82 1.29 9.72
CA SER A 18 16.96 0.10 9.50
C SER A 18 16.83 -0.29 8.04
N ILE A 19 17.33 0.59 7.18
CA ILE A 19 17.22 0.42 5.73
C ILE A 19 18.45 -0.33 5.32
N LYS A 20 18.31 -1.53 4.79
CA LYS A 20 19.49 -2.34 4.48
C LYS A 20 19.93 -2.00 3.08
N THR A 21 21.24 -2.21 2.85
CA THR A 21 21.87 -1.92 1.59
C THR A 21 22.22 -3.25 0.92
N ILE A 22 21.96 -3.34 -0.35
CA ILE A 22 22.31 -4.53 -1.10
C ILE A 22 23.37 -4.13 -2.12
N PRO A 23 24.65 -4.53 -1.92
CA PRO A 23 25.67 -4.16 -2.90
C PRO A 23 25.48 -4.81 -4.26
N ASP A 24 25.85 -4.07 -5.30
CA ASP A 24 25.86 -4.57 -6.67
C ASP A 24 24.53 -5.12 -7.14
N TYR A 25 23.45 -4.46 -6.73
CA TYR A 25 22.10 -4.82 -7.14
C TYR A 25 21.43 -3.51 -7.52
N PRO A 26 20.76 -3.41 -8.68
CA PRO A 26 20.46 -4.53 -9.60
C PRO A 26 21.56 -4.82 -10.61
N LYS A 27 22.59 -3.98 -10.62
CA LYS A 27 23.79 -4.08 -11.47
C LYS A 27 25.02 -3.85 -10.62
N ALA A 28 26.16 -4.31 -11.11
CA ALA A 28 27.44 -4.02 -10.46
C ALA A 28 27.60 -2.51 -10.19
N GLY A 29 28.09 -2.15 -9.01
CA GLY A 29 28.33 -0.75 -8.67
C GLY A 29 27.19 -0.04 -7.93
N ILE A 30 25.95 -0.50 -8.11
CA ILE A 30 24.82 0.13 -7.42
C ILE A 30 24.68 -0.40 -5.98
N LEU A 31 24.57 0.51 -5.02
CA LEU A 31 24.28 0.15 -3.65
C LEU A 31 22.79 0.32 -3.46
N PHE A 32 22.03 -0.78 -3.52
CA PHE A 32 20.58 -0.66 -3.45
C PHE A 32 20.11 -0.43 -2.04
N ARG A 33 19.21 0.54 -1.86
CA ARG A 33 18.70 0.80 -0.51
C ARG A 33 17.33 0.16 -0.49
N ASP A 34 17.17 -0.86 0.32
CA ASP A 34 16.04 -1.73 0.35
C ASP A 34 15.06 -1.32 1.42
N VAL A 35 14.00 -0.59 1.03
CA VAL A 35 12.97 -0.14 2.02
C VAL A 35 12.14 -1.29 2.63
N THR A 36 12.20 -2.51 2.06
CA THR A 36 11.43 -3.62 2.63
C THR A 36 11.97 -3.99 4.02
N SER A 37 13.25 -3.79 4.32
CA SER A 37 13.72 -4.00 5.68
C SER A 37 13.11 -3.01 6.66
N LEU A 38 12.78 -1.81 6.21
CA LEU A 38 12.14 -0.83 7.13
C LEU A 38 10.72 -1.31 7.35
N LEU A 39 10.07 -1.87 6.31
CA LEU A 39 8.66 -2.32 6.48
C LEU A 39 8.50 -3.38 7.52
N GLU A 40 9.50 -4.24 7.68
CA GLU A 40 9.42 -5.35 8.61
C GLU A 40 10.03 -4.99 9.98
N ASN A 41 10.42 -3.74 10.14
CA ASN A 41 10.91 -3.17 11.43
C ASN A 41 9.82 -2.27 11.97
N PRO A 42 8.98 -2.77 12.89
CA PRO A 42 7.84 -2.02 13.27
C PRO A 42 8.19 -0.64 13.89
N LYS A 43 9.26 -0.59 14.68
CA LYS A 43 9.67 0.72 15.25
C LYS A 43 10.08 1.72 14.16
N ALA A 44 10.76 1.25 13.10
CA ALA A 44 11.24 2.12 12.02
C ALA A 44 10.09 2.56 11.14
N TYR A 45 9.20 1.58 10.86
CA TYR A 45 8.05 1.88 9.99
C TYR A 45 7.08 2.85 10.67
N SER A 46 6.75 2.64 11.93
CA SER A 46 5.84 3.51 12.68
C SER A 46 6.48 4.90 12.79
N ALA A 47 7.75 4.90 13.10
CA ALA A 47 8.53 6.18 13.16
C ALA A 47 8.47 6.97 11.93
N SER A 48 8.61 6.30 10.78
CA SER A 48 8.60 6.98 9.52
C SER A 48 7.26 7.66 9.28
N ILE A 49 6.16 6.98 9.57
CA ILE A 49 4.84 7.52 9.36
C ILE A 49 4.65 8.72 10.32
N GLU A 50 5.13 8.51 11.51
CA GLU A 50 4.98 9.55 12.53
C GLU A 50 5.62 10.85 12.08
N LEU A 51 6.90 10.83 11.75
CA LEU A 51 7.64 12.00 11.25
C LEU A 51 7.01 12.68 10.01
N LEU A 52 6.61 11.87 9.03
CA LEU A 52 5.95 12.41 7.84
C LEU A 52 4.64 13.11 8.19
N SER A 53 3.83 12.48 9.05
CA SER A 53 2.53 13.04 9.45
C SER A 53 2.72 14.38 10.23
N GLU A 54 3.67 14.36 11.12
CA GLU A 54 3.97 15.51 11.97
C GLU A 54 4.46 16.71 11.16
N HIS A 55 5.37 16.44 10.24
CA HIS A 55 5.87 17.47 9.31
C HIS A 55 4.78 18.23 8.54
N TYR A 56 3.68 17.54 8.16
CA TYR A 56 2.57 18.18 7.43
C TYR A 56 1.32 18.48 8.26
N SER A 57 1.43 18.41 9.58
CA SER A 57 0.26 18.59 10.45
C SER A 57 -0.44 19.94 10.30
N GLU A 58 0.32 21.00 9.99
CA GLU A 58 -0.21 22.36 9.85
C GLU A 58 -0.28 22.84 8.42
N SER A 59 -0.02 21.94 7.49
CA SER A 59 0.11 22.29 6.08
C SER A 59 -1.23 22.54 5.37
N GLY A 60 -2.35 22.12 5.93
CA GLY A 60 -3.65 22.35 5.33
C GLY A 60 -3.89 21.39 4.17
N VAL A 61 -3.09 20.33 4.08
CA VAL A 61 -3.38 19.26 3.08
C VAL A 61 -4.79 18.66 3.22
N THR A 62 -5.52 18.48 2.09
CA THR A 62 -6.85 17.87 2.06
C THR A 62 -6.93 16.43 1.52
N LYS A 63 -5.88 16.01 0.83
CA LYS A 63 -5.82 14.68 0.20
C LYS A 63 -4.35 14.28 0.15
N VAL A 64 -4.12 12.96 0.13
CA VAL A 64 -2.80 12.40 -0.05
C VAL A 64 -2.89 11.48 -1.27
N VAL A 65 -1.92 11.64 -2.12
CA VAL A 65 -1.83 10.77 -3.38
C VAL A 65 -0.58 9.96 -3.23
N GLY A 66 -0.69 8.62 -3.46
CA GLY A 66 0.50 7.75 -3.55
C GLY A 66 0.40 6.93 -4.80
N THR A 67 1.53 6.70 -5.50
CA THR A 67 1.54 5.86 -6.71
C THR A 67 1.69 4.40 -6.29
N GLU A 68 1.13 3.51 -7.09
CA GLU A 68 1.31 2.10 -7.01
C GLU A 68 2.78 1.78 -7.15
N ALA A 69 3.32 0.88 -6.35
CA ALA A 69 2.67 0.26 -5.20
C ALA A 69 3.38 0.69 -3.90
N ARG A 70 4.69 1.05 -3.91
CA ARG A 70 5.37 1.38 -2.65
CA ARG A 70 5.38 1.38 -2.65
C ARG A 70 4.87 2.73 -2.12
N GLY A 71 4.34 3.60 -2.99
CA GLY A 71 3.67 4.80 -2.57
C GLY A 71 2.43 4.58 -1.69
N PHE A 72 1.83 3.45 -1.88
CA PHE A 72 0.70 3.09 -1.11
C PHE A 72 1.18 2.88 0.34
N LEU A 73 2.32 2.24 0.54
CA LEU A 73 2.82 1.78 1.88
C LEU A 73 3.10 2.96 2.79
N PHE A 74 3.39 4.09 2.20
CA PHE A 74 3.75 5.27 3.03
C PHE A 74 2.68 6.35 2.90
N GLY A 75 2.13 6.55 1.69
CA GLY A 75 1.05 7.52 1.52
C GLY A 75 -0.22 7.22 2.28
N ALA A 76 -0.64 5.98 2.31
CA ALA A 76 -1.91 5.64 2.91
C ALA A 76 -1.85 5.80 4.48
N PRO A 77 -0.76 5.30 5.09
CA PRO A 77 -0.71 5.58 6.57
C PRO A 77 -0.57 7.07 6.90
N VAL A 78 0.10 7.87 6.08
CA VAL A 78 0.14 9.30 6.36
C VAL A 78 -1.28 9.88 6.23
N ALA A 79 -2.02 9.51 5.16
CA ALA A 79 -3.42 9.94 5.02
C ALA A 79 -4.23 9.62 6.24
N LEU A 80 -4.06 8.41 6.76
CA LEU A 80 -4.83 7.95 7.91
C LEU A 80 -4.43 8.80 9.16
N ALA A 81 -3.14 9.10 9.27
CA ALA A 81 -2.63 9.92 10.40
C ALA A 81 -3.15 11.31 10.29
N LEU A 82 -3.15 11.91 9.09
CA LEU A 82 -3.72 13.25 8.87
C LEU A 82 -5.30 13.35 8.84
N GLY A 83 -5.93 12.23 8.88
CA GLY A 83 -7.38 12.15 8.69
C GLY A 83 -7.92 12.71 7.41
N VAL A 84 -7.22 12.47 6.30
CA VAL A 84 -7.62 12.96 4.99
C VAL A 84 -7.73 11.78 4.07
N GLY A 85 -8.45 11.99 2.97
CA GLY A 85 -8.68 10.90 2.02
C GLY A 85 -7.38 10.55 1.29
N PHE A 86 -7.29 9.26 0.93
CA PHE A 86 -6.18 8.75 0.17
C PHE A 86 -6.67 8.45 -1.24
N VAL A 87 -5.85 8.87 -2.22
CA VAL A 87 -6.15 8.76 -3.64
C VAL A 87 -5.01 8.04 -4.31
N PRO A 88 -5.28 6.82 -4.82
CA PRO A 88 -4.21 6.06 -5.46
C PRO A 88 -3.97 6.55 -6.95
N VAL A 89 -2.72 6.62 -7.37
CA VAL A 89 -2.38 6.77 -8.77
C VAL A 89 -1.91 5.35 -9.19
N ARG A 90 -2.42 4.84 -10.32
CA ARG A 90 -2.21 3.44 -10.66
C ARG A 90 -1.71 3.23 -12.06
N LYS A 91 -1.06 2.07 -12.22
CA LYS A 91 -0.73 1.56 -13.52
C LYS A 91 -2.01 1.42 -14.36
N PRO A 92 -1.89 1.44 -15.69
CA PRO A 92 -3.10 1.63 -16.44
C PRO A 92 -4.07 0.44 -16.40
N GLY A 93 -5.34 0.72 -16.46
CA GLY A 93 -6.36 -0.29 -16.45
C GLY A 93 -6.80 -0.94 -15.20
N LYS A 94 -6.36 -0.43 -14.03
CA LYS A 94 -6.67 -1.03 -12.75
C LYS A 94 -7.82 -0.30 -12.05
N LEU A 95 -7.89 1.00 -12.25
CA LEU A 95 -8.91 1.86 -11.63
C LEU A 95 -10.23 1.77 -12.38
N PRO A 96 -11.35 1.58 -11.67
CA PRO A 96 -12.58 1.35 -12.35
C PRO A 96 -13.45 2.49 -12.85
N ARG A 97 -13.29 3.67 -12.25
CA ARG A 97 -14.04 4.81 -12.59
C ARG A 97 -13.32 5.59 -13.67
N GLU A 98 -13.93 6.70 -14.09
CA GLU A 98 -13.31 7.49 -15.12
C GLU A 98 -11.95 7.96 -14.67
N THR A 99 -11.01 7.94 -15.59
CA THR A 99 -9.64 8.34 -15.34
C THR A 99 -9.09 9.30 -16.37
N ILE A 100 -8.04 9.99 -15.94
CA ILE A 100 -7.06 10.58 -16.86
C ILE A 100 -5.68 9.94 -16.69
N SER A 101 -4.79 10.18 -17.64
N SER A 101 -4.80 10.17 -17.66
CA SER A 101 -3.52 9.52 -17.67
CA SER A 101 -3.55 9.46 -17.80
C SER A 101 -2.40 10.42 -18.04
C SER A 101 -2.39 10.39 -18.09
N GLU A 102 -1.22 10.05 -17.56
CA GLU A 102 0.03 10.74 -17.96
C GLU A 102 1.15 9.76 -18.16
N SER A 103 2.00 10.06 -19.12
CA SER A 103 3.14 9.19 -19.38
C SER A 103 4.39 9.66 -18.65
N TYR A 104 5.34 8.75 -18.56
CA TYR A 104 6.62 8.99 -17.97
C TYR A 104 7.61 7.96 -18.54
N GLU A 105 8.88 8.28 -18.38
CA GLU A 105 9.94 7.55 -19.01
C GLU A 105 10.57 6.59 -18.02
N LEU A 106 10.86 5.42 -18.55
CA LEU A 106 11.60 4.43 -17.80
C LEU A 106 12.94 4.35 -18.47
N GLU A 107 13.84 3.56 -17.88
CA GLU A 107 15.12 3.33 -18.50
C GLU A 107 14.94 2.80 -19.93
N TYR A 108 14.00 1.90 -20.10
CA TYR A 108 13.91 1.18 -21.36
C TYR A 108 12.62 1.39 -22.15
N GLY A 109 11.89 2.44 -21.85
CA GLY A 109 10.64 2.65 -22.51
C GLY A 109 9.84 3.66 -21.75
N THR A 110 8.53 3.58 -21.93
CA THR A 110 7.62 4.57 -21.37
C THR A 110 6.47 3.80 -20.77
N ASP A 111 5.76 4.42 -19.83
CA ASP A 111 4.58 3.76 -19.24
C ASP A 111 3.67 4.87 -18.76
N THR A 112 2.53 4.52 -18.17
CA THR A 112 1.53 5.53 -17.89
CA THR A 112 1.50 5.50 -17.89
C THR A 112 1.01 5.35 -16.46
N LEU A 113 0.55 6.45 -15.87
CA LEU A 113 -0.12 6.44 -14.57
C LEU A 113 -1.50 7.09 -14.70
N GLU A 114 -2.48 6.55 -14.00
CA GLU A 114 -3.84 7.02 -14.04
C GLU A 114 -4.33 7.38 -12.67
N ILE A 115 -5.24 8.34 -12.63
CA ILE A 115 -5.95 8.77 -11.44
C ILE A 115 -7.44 8.90 -11.76
N HIS A 116 -8.30 8.67 -10.78
CA HIS A 116 -9.74 8.89 -10.90
C HIS A 116 -10.04 10.35 -11.00
N THR A 117 -10.77 10.74 -12.05
CA THR A 117 -11.05 12.17 -12.28
C THR A 117 -11.94 12.73 -11.17
N ASP A 118 -12.75 11.89 -10.52
CA ASP A 118 -13.72 12.36 -9.50
C ASP A 118 -13.02 12.55 -8.17
N SER A 119 -11.76 12.13 -8.08
CA SER A 119 -11.07 12.07 -6.80
C SER A 119 -10.23 13.30 -6.38
N ILE A 120 -10.02 14.18 -7.34
CA ILE A 120 -9.37 15.46 -7.15
C ILE A 120 -10.26 16.57 -7.67
N GLN A 121 -10.31 17.68 -6.97
CA GLN A 121 -11.11 18.77 -7.49
C GLN A 121 -10.58 20.08 -7.05
N PRO A 122 -11.00 21.15 -7.73
CA PRO A 122 -10.49 22.46 -7.44
C PRO A 122 -10.70 22.77 -5.97
N GLY A 123 -9.71 23.40 -5.38
CA GLY A 123 -9.66 23.57 -3.94
C GLY A 123 -8.64 22.65 -3.29
N ASP A 124 -8.51 21.41 -3.79
CA ASP A 124 -7.77 20.40 -3.06
C ASP A 124 -6.32 20.83 -2.92
N LYS A 125 -5.77 20.51 -1.76
CA LYS A 125 -4.40 20.72 -1.43
C LYS A 125 -3.85 19.32 -1.18
N VAL A 126 -2.94 18.90 -2.06
CA VAL A 126 -2.58 17.51 -2.17
C VAL A 126 -1.10 17.28 -1.82
N LEU A 127 -0.85 16.31 -0.93
CA LEU A 127 0.46 15.91 -0.66
C LEU A 127 0.68 14.63 -1.40
N VAL A 128 1.78 14.57 -2.13
CA VAL A 128 2.26 13.33 -2.75
C VAL A 128 3.32 12.68 -1.87
N VAL A 129 3.15 11.40 -1.58
CA VAL A 129 4.05 10.59 -0.79
C VAL A 129 4.60 9.46 -1.62
N ASP A 130 5.92 9.23 -1.53
CA ASP A 130 6.45 7.99 -2.16
C ASP A 130 7.59 7.45 -1.30
N ASP A 131 8.08 6.26 -1.61
CA ASP A 131 9.14 5.67 -0.84
C ASP A 131 10.50 6.34 -1.08
N LEU A 132 10.82 6.53 -2.35
CA LEU A 132 12.16 6.83 -2.73
C LEU A 132 12.15 7.77 -3.90
N LEU A 133 12.93 8.86 -3.78
CA LEU A 133 13.12 9.82 -4.89
C LEU A 133 14.37 9.53 -5.64
N ALA A 134 14.22 9.08 -6.87
CA ALA A 134 15.37 8.80 -7.75
C ALA A 134 15.32 9.79 -8.89
N THR A 135 14.92 9.42 -10.11
CA THR A 135 14.85 10.44 -11.17
C THR A 135 13.59 11.40 -11.10
N GLY A 136 12.56 11.02 -10.34
CA GLY A 136 11.39 11.85 -10.11
C GLY A 136 10.38 11.74 -11.25
N GLY A 137 10.60 10.83 -12.22
CA GLY A 137 9.64 10.62 -13.33
C GLY A 137 8.19 10.46 -12.97
N THR A 138 7.90 9.51 -12.09
CA THR A 138 6.55 9.21 -11.72
C THR A 138 5.89 10.33 -10.95
N ILE A 139 6.66 11.07 -10.13
CA ILE A 139 6.10 12.20 -9.38
C ILE A 139 5.73 13.35 -10.32
N GLU A 140 6.61 13.64 -11.28
CA GLU A 140 6.35 14.65 -12.32
C GLU A 140 5.00 14.37 -13.00
N ALA A 141 4.79 13.11 -13.40
CA ALA A 141 3.55 12.68 -14.03
C ALA A 141 2.36 12.79 -13.08
N THR A 142 2.58 12.47 -11.79
CA THR A 142 1.50 12.57 -10.82
C THR A 142 1.04 14.03 -10.64
N VAL A 143 2.03 14.91 -10.62
CA VAL A 143 1.81 16.30 -10.41
C VAL A 143 0.90 16.81 -11.54
N LYS A 144 1.23 16.41 -12.75
CA LYS A 144 0.42 16.74 -13.88
C LYS A 144 -1.01 16.26 -13.75
N LEU A 145 -1.19 15.02 -13.28
CA LEU A 145 -2.54 14.45 -13.11
C LEU A 145 -3.33 15.37 -12.20
N ILE A 146 -2.73 15.67 -11.04
CA ILE A 146 -3.39 16.44 -10.04
C ILE A 146 -3.81 17.83 -10.57
N ARG A 147 -2.85 18.54 -11.15
CA ARG A 147 -3.12 19.89 -11.69
C ARG A 147 -4.17 19.92 -12.80
N ARG A 148 -4.28 18.88 -13.59
CA ARG A 148 -5.32 18.83 -14.63
C ARG A 148 -6.68 18.77 -14.01
N LEU A 149 -6.78 18.18 -12.81
CA LEU A 149 -8.03 18.09 -12.12
C LEU A 149 -8.35 19.29 -11.20
N GLY A 150 -7.50 20.29 -11.23
CA GLY A 150 -7.69 21.52 -10.45
C GLY A 150 -7.09 21.43 -9.07
N GLY A 151 -6.43 20.33 -8.76
CA GLY A 151 -5.78 20.23 -7.46
C GLY A 151 -4.52 21.07 -7.31
N GLU A 152 -4.26 21.56 -6.08
CA GLU A 152 -2.99 22.22 -5.78
C GLU A 152 -2.00 21.24 -5.16
N VAL A 153 -0.81 21.15 -5.75
CA VAL A 153 0.21 20.34 -5.18
C VAL A 153 1.53 21.11 -5.12
N VAL A 154 2.05 21.33 -3.91
CA VAL A 154 3.39 21.90 -3.80
C VAL A 154 4.32 21.18 -2.86
N HIS A 155 3.86 20.02 -2.37
CA HIS A 155 4.64 19.19 -1.47
C HIS A 155 4.72 17.73 -1.94
N ALA A 156 5.94 17.20 -1.96
CA ALA A 156 6.14 15.76 -2.12
C ALA A 156 7.01 15.25 -0.98
N ALA A 157 6.70 14.09 -0.42
CA ALA A 157 7.46 13.57 0.71
C ALA A 157 7.91 12.17 0.46
N PHE A 158 9.11 11.90 0.91
CA PHE A 158 9.81 10.63 0.65
C PHE A 158 10.49 10.06 1.90
N ILE A 159 10.58 8.74 1.99
CA ILE A 159 11.42 8.13 3.01
C ILE A 159 12.91 8.34 2.64
N ILE A 160 13.29 8.04 1.38
CA ILE A 160 14.70 8.12 0.92
C ILE A 160 14.85 9.04 -0.28
N ASN A 161 15.86 9.91 -0.26
CA ASN A 161 16.22 10.74 -1.42
C ASN A 161 17.61 10.28 -1.96
N LEU A 162 17.72 10.12 -3.26
CA LEU A 162 19.01 9.93 -3.95
C LEU A 162 19.32 11.12 -4.82
N PRO A 163 19.79 12.19 -4.18
CA PRO A 163 19.91 13.48 -4.87
C PRO A 163 20.74 13.41 -6.15
N GLU A 164 21.74 12.53 -6.18
CA GLU A 164 22.59 12.38 -7.37
C GLU A 164 21.82 11.95 -8.61
N LEU A 165 20.62 11.41 -8.43
CA LEU A 165 19.78 11.05 -9.60
C LEU A 165 18.91 12.18 -10.22
N GLY A 166 18.88 13.32 -9.55
CA GLY A 166 18.35 14.56 -10.10
C GLY A 166 16.87 14.85 -9.88
N GLY A 167 16.14 13.88 -9.32
CA GLY A 167 14.71 14.04 -9.03
C GLY A 167 14.37 15.28 -8.21
N GLU A 168 15.09 15.45 -7.12
CA GLU A 168 14.91 16.59 -6.28
C GLU A 168 15.07 17.91 -7.04
N ALA A 169 16.22 18.05 -7.71
CA ALA A 169 16.49 19.23 -8.52
C ALA A 169 15.35 19.53 -9.44
N ARG A 170 14.91 18.54 -10.23
CA ARG A 170 13.85 18.79 -11.23
C ARG A 170 12.42 19.00 -10.68
N LEU A 171 12.10 18.43 -9.52
CA LEU A 171 10.82 18.68 -8.89
C LEU A 171 10.78 20.06 -8.21
N THR A 172 11.94 20.45 -7.68
CA THR A 172 12.14 21.72 -6.99
C THR A 172 11.91 22.78 -8.06
N GLN A 173 12.59 22.57 -9.17
CA GLN A 173 12.52 23.55 -10.24
C GLN A 173 11.15 23.51 -10.91
N GLN A 174 10.21 22.77 -10.35
CA GLN A 174 8.83 22.79 -10.84
C GLN A 174 7.76 23.13 -9.79
N GLY A 175 8.16 23.78 -8.71
CA GLY A 175 7.20 24.29 -7.73
C GLY A 175 7.01 23.37 -6.54
N ILE A 176 7.69 22.22 -6.57
CA ILE A 176 7.44 21.16 -5.59
C ILE A 176 8.53 21.21 -4.55
N HIS A 177 8.13 21.39 -3.29
CA HIS A 177 9.06 21.40 -2.13
C HIS A 177 9.18 19.94 -1.76
N CYS A 178 10.36 19.37 -1.93
CA CYS A 178 10.56 17.97 -1.60
C CYS A 178 10.99 17.88 -0.17
N TYR A 179 10.42 16.96 0.56
CA TYR A 179 10.94 16.63 1.88
C TYR A 179 11.22 15.14 2.00
N SER A 180 12.40 14.78 2.46
CA SER A 180 12.79 13.38 2.55
C SER A 180 13.37 13.15 3.90
N LEU A 181 13.06 12.00 4.50
CA LEU A 181 13.53 11.63 5.83
C LEU A 181 15.03 11.43 5.84
N VAL A 182 15.53 10.58 4.95
CA VAL A 182 16.95 10.27 4.90
C VAL A 182 17.41 10.38 3.47
N SER A 183 18.72 10.51 3.31
CA SER A 183 19.28 10.63 2.00
C SER A 183 20.54 9.78 1.92
N PHE A 184 20.80 9.25 0.74
CA PHE A 184 22.01 8.51 0.47
C PHE A 184 22.71 9.05 -0.76
N ASP A 185 24.03 8.85 -0.76
CA ASP A 185 24.86 9.04 -1.89
C ASP A 185 24.73 7.86 -2.85
N GLY A 186 25.15 8.13 -4.08
CA GLY A 186 25.21 7.12 -5.13
C GLY A 186 24.00 7.16 -6.03
N HIS A 187 24.01 6.26 -7.01
CA HIS A 187 22.96 6.14 -8.03
C HIS A 187 22.03 4.97 -7.71
N ALA B 5 -25.40 -0.17 17.43
CA ALA B 5 -25.32 0.10 18.92
C ALA B 5 -23.87 0.23 19.40
N SER B 6 -23.17 -0.91 19.42
CA SER B 6 -21.77 -0.88 19.77
CA SER B 6 -21.74 -0.93 19.72
C SER B 6 -21.09 -0.02 18.70
N LYS B 7 -19.91 0.50 19.04
CA LYS B 7 -19.07 1.22 18.09
C LYS B 7 -18.91 0.34 16.86
N THR B 8 -18.70 -0.96 17.07
CA THR B 8 -18.52 -1.91 15.97
C THR B 8 -19.67 -1.95 14.97
N ALA B 9 -20.92 -2.07 15.42
CA ALA B 9 -22.00 -2.26 14.46
C ALA B 9 -22.31 -1.04 13.63
N GLN B 10 -22.15 0.14 14.23
CA GLN B 10 -22.38 1.35 13.46
C GLN B 10 -21.26 1.56 12.38
N GLN B 11 -20.01 1.20 12.71
CA GLN B 11 -18.87 1.41 11.80
C GLN B 11 -19.07 0.52 10.57
N LEU B 12 -19.53 -0.69 10.80
CA LEU B 12 -19.72 -1.64 9.66
C LEU B 12 -20.72 -1.10 8.65
N LYS B 13 -21.82 -0.56 9.15
CA LYS B 13 -22.79 0.09 8.31
C LYS B 13 -22.21 1.19 7.46
N TYR B 14 -21.46 2.07 8.13
CA TYR B 14 -20.85 3.23 7.53
C TYR B 14 -19.88 2.75 6.41
N ILE B 15 -19.10 1.75 6.77
CA ILE B 15 -18.05 1.26 5.87
C ILE B 15 -18.76 0.71 4.63
N LYS B 16 -19.83 -0.06 4.83
CA LYS B 16 -20.52 -0.69 3.68
C LYS B 16 -21.10 0.34 2.74
N ASP B 17 -21.58 1.43 3.32
CA ASP B 17 -22.19 2.54 2.56
C ASP B 17 -21.15 3.41 1.82
N SER B 18 -19.91 3.43 2.31
CA SER B 18 -18.83 4.18 1.70
C SER B 18 -18.30 3.56 0.42
N ILE B 19 -18.64 2.29 0.19
CA ILE B 19 -18.12 1.51 -0.93
C ILE B 19 -19.09 1.70 -2.08
N LYS B 20 -18.61 2.35 -3.14
CA LYS B 20 -19.42 2.67 -4.37
C LYS B 20 -19.65 1.36 -5.13
N THR B 21 -20.80 1.24 -5.83
CA THR B 21 -21.02 0.12 -6.77
C THR B 21 -21.05 0.66 -8.20
N ILE B 22 -20.38 -0.01 -9.12
CA ILE B 22 -20.30 0.46 -10.50
C ILE B 22 -20.96 -0.62 -11.38
N PRO B 23 -22.11 -0.30 -12.02
CA PRO B 23 -22.80 -1.35 -12.78
C PRO B 23 -22.06 -1.68 -14.06
N ASP B 24 -22.23 -2.91 -14.52
CA ASP B 24 -21.66 -3.36 -15.80
C ASP B 24 -20.17 -3.11 -15.96
N TYR B 25 -19.43 -3.12 -14.85
CA TYR B 25 -17.98 -3.10 -14.88
C TYR B 25 -17.45 -4.31 -14.10
N PRO B 26 -16.40 -4.99 -14.60
CA PRO B 26 -15.73 -4.65 -15.87
C PRO B 26 -16.46 -5.11 -17.11
N LYS B 27 -17.65 -5.73 -16.97
CA LYS B 27 -18.51 -6.09 -18.11
C LYS B 27 -19.95 -6.19 -17.66
N ALA B 28 -20.85 -6.46 -18.60
CA ALA B 28 -22.30 -6.52 -18.32
C ALA B 28 -22.64 -7.58 -17.26
N GLY B 29 -23.53 -7.22 -16.35
CA GLY B 29 -24.06 -8.09 -15.31
C GLY B 29 -23.27 -8.09 -14.02
N ILE B 30 -22.12 -7.45 -14.03
CA ILE B 30 -21.32 -7.47 -12.82
C ILE B 30 -21.57 -6.18 -12.08
N LEU B 31 -21.81 -6.24 -10.77
CA LEU B 31 -21.87 -5.03 -9.98
C LEU B 31 -20.58 -4.83 -9.22
N PHE B 32 -19.76 -3.88 -9.64
CA PHE B 32 -18.40 -3.79 -9.13
C PHE B 32 -18.35 -3.02 -7.83
N ARG B 33 -17.66 -3.57 -6.84
CA ARG B 33 -17.63 -2.93 -5.53
C ARG B 33 -16.31 -2.27 -5.47
N ASP B 34 -16.34 -0.96 -5.53
CA ASP B 34 -15.12 -0.14 -5.72
C ASP B 34 -14.61 0.36 -4.42
N VAL B 35 -13.61 -0.33 -3.90
CA VAL B 35 -13.06 0.05 -2.61
C VAL B 35 -12.33 1.39 -2.62
N THR B 36 -12.08 1.94 -3.81
CA THR B 36 -11.42 3.21 -3.84
C THR B 36 -12.26 4.33 -3.23
N SER B 37 -13.59 4.19 -3.16
CA SER B 37 -14.37 5.25 -2.58
C SER B 37 -14.22 5.20 -1.07
N LEU B 38 -13.91 4.01 -0.54
CA LEU B 38 -13.65 3.91 0.92
C LEU B 38 -12.30 4.56 1.26
N LEU B 39 -11.29 4.38 0.39
CA LEU B 39 -9.96 4.99 0.65
C LEU B 39 -10.04 6.50 0.75
N GLU B 40 -10.96 7.10 0.00
CA GLU B 40 -11.03 8.56 0.01
C GLU B 40 -12.07 9.08 1.02
N ASN B 41 -12.57 8.23 1.89
CA ASN B 41 -13.47 8.65 2.99
C ASN B 41 -12.69 8.40 4.30
N PRO B 42 -12.19 9.45 4.93
CA PRO B 42 -11.23 9.20 6.00
C PRO B 42 -11.90 8.45 7.18
N LYS B 43 -13.16 8.73 7.46
CA LYS B 43 -13.87 8.02 8.55
C LYS B 43 -13.96 6.54 8.30
N ALA B 44 -14.38 6.16 7.09
CA ALA B 44 -14.53 4.75 6.66
C ALA B 44 -13.19 4.04 6.65
N TYR B 45 -12.18 4.69 6.06
CA TYR B 45 -10.89 4.03 5.96
C TYR B 45 -10.33 3.77 7.35
N SER B 46 -10.34 4.81 8.19
CA SER B 46 -9.86 4.68 9.55
C SER B 46 -10.65 3.62 10.35
N ALA B 47 -11.95 3.57 10.20
CA ALA B 47 -12.73 2.58 10.89
C ALA B 47 -12.40 1.17 10.43
N SER B 48 -12.12 0.98 9.14
CA SER B 48 -11.80 -0.34 8.58
C SER B 48 -10.53 -0.91 9.19
N ILE B 49 -9.47 -0.10 9.25
CA ILE B 49 -8.23 -0.46 9.95
C ILE B 49 -8.44 -0.74 11.43
N GLU B 50 -9.20 0.12 12.06
CA GLU B 50 -9.44 -0.05 13.50
C GLU B 50 -10.14 -1.39 13.76
N LEU B 51 -11.18 -1.70 13.02
CA LEU B 51 -11.82 -2.98 13.20
C LEU B 51 -10.93 -4.21 12.91
N LEU B 52 -10.16 -4.19 11.82
CA LEU B 52 -9.27 -5.30 11.54
C LEU B 52 -8.23 -5.46 12.64
N SER B 53 -7.63 -4.37 13.11
CA SER B 53 -6.61 -4.51 14.12
C SER B 53 -7.15 -4.94 15.49
N GLU B 54 -8.29 -4.39 15.85
CA GLU B 54 -8.90 -4.81 17.10
C GLU B 54 -9.24 -6.30 17.10
N HIS B 55 -9.77 -6.83 16.01
CA HIS B 55 -10.14 -8.26 15.87
C HIS B 55 -8.95 -9.19 16.13
N TYR B 56 -7.74 -8.79 15.72
CA TYR B 56 -6.56 -9.62 15.92
C TYR B 56 -5.63 -9.19 17.07
N SER B 57 -6.07 -8.21 17.84
CA SER B 57 -5.28 -7.69 18.98
C SER B 57 -4.72 -8.79 19.90
N GLU B 58 -5.48 -9.87 20.09
CA GLU B 58 -5.03 -10.95 21.00
C GLU B 58 -4.64 -12.22 20.28
N SER B 59 -4.37 -12.13 18.98
CA SER B 59 -4.15 -13.30 18.15
CA SER B 59 -4.17 -13.33 18.19
C SER B 59 -2.72 -13.79 18.26
N GLY B 60 -1.84 -12.96 18.81
CA GLY B 60 -0.42 -13.30 18.86
C GLY B 60 0.27 -13.25 17.50
N VAL B 61 -0.31 -12.55 16.52
CA VAL B 61 0.34 -12.43 15.22
C VAL B 61 1.68 -11.73 15.31
N THR B 62 2.70 -12.27 14.63
CA THR B 62 3.98 -11.61 14.62
C THR B 62 4.34 -10.92 13.32
N LYS B 63 3.65 -11.27 12.23
CA LYS B 63 3.92 -10.69 10.89
C LYS B 63 2.58 -10.49 10.18
N VAL B 64 2.46 -9.42 9.37
CA VAL B 64 1.32 -9.22 8.49
C VAL B 64 1.84 -9.26 7.08
N VAL B 65 1.23 -10.10 6.28
CA VAL B 65 1.49 -10.15 4.84
C VAL B 65 0.39 -9.56 3.98
N GLY B 66 0.75 -8.78 2.94
CA GLY B 66 -0.28 -8.29 2.00
C GLY B 66 0.24 -8.35 0.63
N THR B 67 -0.63 -8.70 -0.32
CA THR B 67 -0.19 -8.82 -1.66
C THR B 67 -0.36 -7.48 -2.38
N GLU B 68 0.52 -7.23 -3.32
CA GLU B 68 0.47 -6.03 -4.12
C GLU B 68 -0.82 -6.03 -4.93
N ALA B 69 -1.55 -4.95 -5.05
CA ALA B 69 -1.25 -3.62 -4.60
C ALA B 69 -2.28 -3.20 -3.62
N ARG B 70 -3.56 -3.57 -3.85
CA ARG B 70 -4.62 -3.00 -3.07
C ARG B 70 -4.55 -3.56 -1.71
N GLY B 71 -4.04 -4.80 -1.60
CA GLY B 71 -3.57 -5.42 -0.41
C GLY B 71 -2.76 -4.59 0.60
N PHE B 72 -1.67 -4.00 0.12
CA PHE B 72 -0.85 -3.06 0.86
C PHE B 72 -1.69 -2.00 1.60
N LEU B 73 -2.81 -1.59 1.00
CA LEU B 73 -3.59 -0.48 1.55
C LEU B 73 -4.30 -0.86 2.82
N PHE B 74 -4.50 -2.15 3.00
CA PHE B 74 -5.12 -2.68 4.22
C PHE B 74 -4.16 -3.48 5.13
N GLY B 75 -3.24 -4.25 4.59
CA GLY B 75 -2.31 -4.98 5.47
C GLY B 75 -1.34 -4.03 6.20
N ALA B 76 -0.82 -3.01 5.53
CA ALA B 76 0.27 -2.27 6.10
C ALA B 76 -0.26 -1.39 7.30
N PRO B 77 -1.43 -0.75 7.13
CA PRO B 77 -1.96 -0.01 8.29
C PRO B 77 -2.32 -0.96 9.47
N VAL B 78 -2.73 -2.20 9.16
CA VAL B 78 -2.99 -3.22 10.17
C VAL B 78 -1.71 -3.62 10.91
N ALA B 79 -0.63 -3.85 10.17
CA ALA B 79 0.70 -4.11 10.73
C ALA B 79 1.11 -2.97 11.67
N LEU B 80 0.95 -1.72 11.20
CA LEU B 80 1.32 -0.55 11.96
C LEU B 80 0.49 -0.50 13.25
N ALA B 81 -0.79 -0.80 13.17
CA ALA B 81 -1.66 -0.82 14.37
C ALA B 81 -1.23 -1.88 15.41
N LEU B 82 -0.90 -3.05 14.93
CA LEU B 82 -0.53 -4.17 15.75
C LEU B 82 0.92 -4.10 16.24
N GLY B 83 1.71 -3.18 15.68
CA GLY B 83 3.14 -3.08 15.98
C GLY B 83 3.97 -4.28 15.64
N VAL B 84 3.76 -4.82 14.42
CA VAL B 84 4.44 -5.96 13.92
C VAL B 84 4.87 -5.65 12.49
N GLY B 85 5.83 -6.41 11.99
CA GLY B 85 6.41 -6.15 10.69
C GLY B 85 5.44 -6.48 9.57
N PHE B 86 5.55 -5.68 8.50
CA PHE B 86 4.78 -5.92 7.28
C PHE B 86 5.70 -6.57 6.26
N VAL B 87 5.18 -7.63 5.64
CA VAL B 87 5.88 -8.37 4.61
C VAL B 87 5.07 -8.34 3.30
N PRO B 88 5.60 -7.68 2.26
CA PRO B 88 4.87 -7.67 1.01
C PRO B 88 5.05 -8.91 0.17
N VAL B 89 4.02 -9.24 -0.59
CA VAL B 89 4.09 -10.29 -1.60
C VAL B 89 3.87 -9.63 -2.90
N ARG B 90 4.78 -9.83 -3.86
CA ARG B 90 4.82 -8.99 -5.00
C ARG B 90 4.78 -9.79 -6.26
N LYS B 91 4.40 -9.09 -7.34
CA LYS B 91 4.56 -9.63 -8.65
CA LYS B 91 4.58 -9.64 -8.66
C LYS B 91 6.07 -9.85 -8.92
N PRO B 92 6.45 -10.68 -9.93
CA PRO B 92 7.84 -11.14 -9.97
C PRO B 92 8.78 -10.04 -10.39
N GLY B 93 9.97 -10.08 -9.79
CA GLY B 93 11.05 -9.18 -10.15
C GLY B 93 11.15 -7.89 -9.41
N LYS B 94 10.19 -7.57 -8.55
CA LYS B 94 10.20 -6.31 -7.75
C LYS B 94 11.01 -6.39 -6.42
N LEU B 95 10.91 -7.52 -5.75
CA LEU B 95 11.63 -7.74 -4.50
C LEU B 95 13.09 -8.02 -4.77
N PRO B 96 14.02 -7.31 -4.12
CA PRO B 96 15.47 -7.37 -4.35
C PRO B 96 16.25 -8.50 -3.70
N ARG B 97 15.81 -9.04 -2.55
CA ARG B 97 16.51 -10.11 -1.86
C ARG B 97 15.99 -11.46 -2.30
N GLU B 98 16.58 -12.53 -1.76
CA GLU B 98 16.17 -13.88 -2.19
C GLU B 98 14.71 -14.10 -1.95
N THR B 99 14.08 -14.70 -2.94
CA THR B 99 12.63 -14.94 -2.96
C THR B 99 12.31 -16.41 -3.24
N ILE B 100 11.08 -16.80 -2.90
CA ILE B 100 10.38 -17.96 -3.55
C ILE B 100 9.13 -17.50 -4.22
N SER B 101 8.59 -18.33 -5.12
CA SER B 101 7.53 -17.99 -6.02
C SER B 101 6.40 -19.01 -5.96
N GLU B 102 5.16 -18.57 -6.18
CA GLU B 102 3.98 -19.43 -6.31
C GLU B 102 3.16 -18.93 -7.47
N SER B 103 2.85 -19.84 -8.39
CA SER B 103 2.04 -19.53 -9.52
C SER B 103 0.59 -19.90 -9.20
N TYR B 104 -0.32 -19.10 -9.75
CA TYR B 104 -1.78 -19.23 -9.57
C TYR B 104 -2.54 -18.88 -10.90
N GLU B 105 -3.75 -19.40 -11.03
CA GLU B 105 -4.55 -19.22 -12.26
C GLU B 105 -5.28 -17.88 -12.28
N LEU B 106 -5.30 -17.24 -13.44
CA LEU B 106 -6.19 -16.12 -13.71
C LEU B 106 -7.19 -16.64 -14.77
N GLU B 107 -8.18 -15.82 -15.06
CA GLU B 107 -9.16 -16.15 -16.11
C GLU B 107 -8.48 -16.43 -17.46
N TYR B 108 -7.53 -15.57 -17.84
CA TYR B 108 -6.86 -15.73 -19.14
C TYR B 108 -5.39 -16.15 -19.13
N GLY B 109 -4.98 -16.78 -18.06
CA GLY B 109 -3.63 -17.37 -17.99
C GLY B 109 -3.19 -17.53 -16.56
N THR B 110 -1.91 -17.33 -16.32
CA THR B 110 -1.34 -17.58 -15.00
C THR B 110 -0.43 -16.42 -14.60
N ASP B 111 -0.27 -16.25 -13.31
CA ASP B 111 0.64 -15.22 -12.84
C ASP B 111 1.33 -15.79 -11.63
N THR B 112 2.28 -15.03 -11.06
CA THR B 112 3.04 -15.53 -9.91
C THR B 112 3.20 -14.39 -8.88
N LEU B 113 3.49 -14.82 -7.67
CA LEU B 113 3.67 -13.96 -6.53
C LEU B 113 4.93 -14.45 -5.83
N GLU B 114 5.67 -13.49 -5.33
CA GLU B 114 6.94 -13.76 -4.67
C GLU B 114 6.95 -13.15 -3.25
N ILE B 115 7.76 -13.79 -2.42
CA ILE B 115 8.03 -13.29 -1.03
C ILE B 115 9.53 -13.44 -0.72
N HIS B 116 10.04 -12.57 0.15
CA HIS B 116 11.41 -12.66 0.61
C HIS B 116 11.54 -13.86 1.54
N THR B 117 12.53 -14.70 1.29
CA THR B 117 12.72 -15.88 2.10
C THR B 117 13.11 -15.48 3.55
N ASP B 118 13.87 -14.40 3.66
CA ASP B 118 14.34 -13.89 4.94
C ASP B 118 13.22 -13.32 5.81
N SER B 119 12.05 -13.01 5.25
CA SER B 119 11.02 -12.30 6.01
C SER B 119 10.03 -13.15 6.79
N ILE B 120 10.01 -14.44 6.47
CA ILE B 120 9.29 -15.44 7.26
C ILE B 120 10.17 -16.58 7.76
N GLN B 121 10.04 -16.87 9.06
CA GLN B 121 10.88 -17.92 9.70
C GLN B 121 9.98 -18.89 10.46
N PRO B 122 10.44 -20.15 10.63
CA PRO B 122 9.64 -21.08 11.39
C PRO B 122 9.22 -20.46 12.68
N GLY B 123 7.95 -20.57 13.00
CA GLY B 123 7.46 -20.06 14.27
C GLY B 123 6.81 -18.68 14.18
N ASP B 124 6.91 -18.04 13.01
CA ASP B 124 6.20 -16.77 12.82
C ASP B 124 4.74 -17.17 12.76
N LYS B 125 3.90 -16.26 13.25
CA LYS B 125 2.47 -16.36 13.18
C LYS B 125 1.97 -15.23 12.30
N VAL B 126 1.48 -15.61 11.12
CA VAL B 126 1.23 -14.65 10.00
C VAL B 126 -0.26 -14.44 9.72
N LEU B 127 -0.66 -13.16 9.69
CA LEU B 127 -1.97 -12.72 9.27
C LEU B 127 -1.90 -12.19 7.85
N VAL B 128 -2.78 -12.64 6.96
CA VAL B 128 -2.81 -12.19 5.60
C VAL B 128 -3.95 -11.24 5.49
N VAL B 129 -3.71 -10.09 4.86
CA VAL B 129 -4.75 -9.06 4.75
C VAL B 129 -4.93 -8.66 3.26
N ASP B 130 -6.18 -8.65 2.77
CA ASP B 130 -6.46 -8.19 1.41
C ASP B 130 -7.73 -7.34 1.35
N ASP B 131 -7.95 -6.64 0.25
CA ASP B 131 -9.13 -5.85 0.16
C ASP B 131 -10.42 -6.63 0.01
N LEU B 132 -10.43 -7.61 -0.90
CA LEU B 132 -11.68 -8.26 -1.36
C LEU B 132 -11.40 -9.73 -1.67
N LEU B 133 -12.25 -10.58 -1.12
CA LEU B 133 -12.21 -11.99 -1.36
C LEU B 133 -13.17 -12.37 -2.46
N ALA B 134 -12.61 -12.78 -3.55
CA ALA B 134 -13.40 -13.27 -4.68
C ALA B 134 -13.15 -14.76 -4.84
N THR B 135 -12.30 -15.18 -5.76
CA THR B 135 -12.08 -16.61 -5.94
C THR B 135 -11.11 -17.19 -4.92
N GLY B 136 -10.20 -16.39 -4.37
CA GLY B 136 -9.32 -16.86 -3.26
C GLY B 136 -7.98 -17.31 -3.85
N GLY B 137 -7.82 -17.27 -5.15
CA GLY B 137 -6.58 -17.73 -5.74
C GLY B 137 -5.27 -17.14 -5.30
N THR B 138 -5.19 -15.82 -5.25
CA THR B 138 -3.96 -15.16 -4.81
C THR B 138 -3.69 -15.45 -3.36
N ILE B 139 -4.71 -15.51 -2.54
CA ILE B 139 -4.56 -15.85 -1.11
C ILE B 139 -4.03 -17.27 -0.88
N GLU B 140 -4.60 -18.25 -1.60
CA GLU B 140 -4.07 -19.60 -1.52
C GLU B 140 -2.63 -19.66 -1.90
N ALA B 141 -2.25 -18.92 -2.90
CA ALA B 141 -0.82 -18.85 -3.29
C ALA B 141 0.05 -18.22 -2.21
N THR B 142 -0.49 -17.17 -1.59
CA THR B 142 0.18 -16.41 -0.60
C THR B 142 0.41 -17.29 0.65
N VAL B 143 -0.62 -18.03 1.02
CA VAL B 143 -0.52 -19.01 2.06
C VAL B 143 0.56 -20.06 1.83
N LYS B 144 0.64 -20.62 0.64
CA LYS B 144 1.65 -21.55 0.33
C LYS B 144 3.04 -21.00 0.43
N LEU B 145 3.26 -19.74 -0.04
CA LEU B 145 4.56 -19.07 0.14
C LEU B 145 4.94 -19.04 1.65
N ILE B 146 4.00 -18.63 2.50
CA ILE B 146 4.27 -18.39 3.92
C ILE B 146 4.59 -19.74 4.59
N ARG B 147 3.84 -20.78 4.23
CA ARG B 147 4.02 -22.11 4.84
C ARG B 147 5.31 -22.82 4.40
N ARG B 148 5.73 -22.62 3.14
CA ARG B 148 7.02 -23.12 2.62
C ARG B 148 8.24 -22.58 3.38
N LEU B 149 8.08 -21.45 4.09
CA LEU B 149 9.13 -20.83 4.89
C LEU B 149 9.01 -21.06 6.39
N GLY B 150 8.00 -21.80 6.78
CA GLY B 150 7.89 -22.24 8.16
C GLY B 150 6.88 -21.47 8.94
N GLY B 151 6.28 -20.51 8.27
CA GLY B 151 5.34 -19.67 8.87
C GLY B 151 4.01 -20.39 9.10
N GLU B 152 3.40 -20.05 10.22
N GLU B 152 3.37 -19.99 10.17
CA GLU B 152 2.03 -20.46 10.53
CA GLU B 152 2.06 -20.48 10.52
C GLU B 152 1.13 -19.35 10.00
C GLU B 152 1.05 -19.40 10.15
N VAL B 153 0.11 -19.78 9.29
CA VAL B 153 -0.94 -18.88 8.82
C VAL B 153 -2.28 -19.61 8.94
N VAL B 154 -3.14 -19.08 9.79
CA VAL B 154 -4.48 -19.59 9.97
C VAL B 154 -5.52 -18.50 9.92
N HIS B 155 -5.11 -17.28 9.58
CA HIS B 155 -6.05 -16.18 9.48
C HIS B 155 -5.85 -15.38 8.23
N ALA B 156 -6.95 -14.99 7.62
CA ALA B 156 -6.93 -14.02 6.50
C ALA B 156 -8.10 -13.10 6.70
N ALA B 157 -7.82 -11.81 6.47
CA ALA B 157 -8.80 -10.75 6.69
C ALA B 157 -9.01 -9.93 5.45
N PHE B 158 -10.27 -9.48 5.30
CA PHE B 158 -10.70 -8.77 4.12
C PHE B 158 -11.64 -7.62 4.47
N ILE B 159 -11.64 -6.55 3.69
CA ILE B 159 -12.71 -5.51 3.80
C ILE B 159 -14.01 -6.09 3.28
N ILE B 160 -13.98 -6.68 2.07
CA ILE B 160 -15.17 -7.21 1.36
C ILE B 160 -15.08 -8.70 1.07
N ASN B 161 -16.16 -9.41 1.35
CA ASN B 161 -16.31 -10.82 0.98
C ASN B 161 -17.35 -10.91 -0.14
N LEU B 162 -17.06 -11.68 -1.20
CA LEU B 162 -18.08 -12.02 -2.20
C LEU B 162 -18.35 -13.49 -2.09
N PRO B 163 -19.26 -13.87 -1.21
CA PRO B 163 -19.41 -15.31 -0.89
C PRO B 163 -19.78 -16.20 -2.10
N GLU B 164 -20.52 -15.62 -3.04
CA GLU B 164 -20.93 -16.38 -4.23
C GLU B 164 -19.76 -16.91 -5.07
N LEU B 165 -18.57 -16.30 -4.96
CA LEU B 165 -17.41 -16.74 -5.75
C LEU B 165 -16.56 -17.88 -5.16
N GLY B 166 -16.95 -18.34 -3.98
CA GLY B 166 -16.40 -19.55 -3.40
C GLY B 166 -15.09 -19.43 -2.66
N GLY B 167 -14.59 -18.20 -2.46
CA GLY B 167 -13.24 -17.98 -1.93
C GLY B 167 -13.11 -18.46 -0.49
N GLU B 168 -14.09 -18.12 0.31
CA GLU B 168 -14.10 -18.48 1.71
C GLU B 168 -14.09 -19.99 1.97
N ALA B 169 -14.98 -20.71 1.33
CA ALA B 169 -14.93 -22.17 1.34
C ALA B 169 -13.56 -22.70 0.89
N ARG B 170 -13.05 -22.29 -0.26
CA ARG B 170 -11.73 -22.71 -0.69
C ARG B 170 -10.64 -22.53 0.40
N LEU B 171 -10.65 -21.37 1.05
CA LEU B 171 -9.63 -21.06 2.04
C LEU B 171 -9.86 -21.89 3.30
N THR B 172 -11.12 -22.04 3.68
CA THR B 172 -11.45 -22.91 4.81
C THR B 172 -10.86 -24.32 4.63
N GLN B 173 -10.89 -24.88 3.42
CA GLN B 173 -10.29 -26.18 3.23
C GLN B 173 -8.75 -26.15 3.32
N GLN B 174 -8.15 -24.98 3.15
CA GLN B 174 -6.69 -24.80 3.33
C GLN B 174 -6.36 -24.39 4.79
N GLY B 175 -7.33 -24.56 5.68
CA GLY B 175 -7.12 -24.31 7.11
C GLY B 175 -6.97 -22.84 7.46
N ILE B 176 -7.62 -21.99 6.72
CA ILE B 176 -7.61 -20.57 6.98
C ILE B 176 -8.97 -20.11 7.44
N HIS B 177 -9.02 -19.37 8.55
CA HIS B 177 -10.24 -18.74 9.03
C HIS B 177 -10.34 -17.36 8.46
N CYS B 178 -11.34 -17.13 7.63
CA CYS B 178 -11.54 -15.83 6.94
C CYS B 178 -12.40 -14.86 7.77
N TYR B 179 -11.89 -13.65 7.98
CA TYR B 179 -12.73 -12.61 8.54
C TYR B 179 -12.92 -11.48 7.52
N SER B 180 -14.17 -11.08 7.27
CA SER B 180 -14.44 -10.00 6.38
C SER B 180 -15.39 -8.98 6.94
N LEU B 181 -15.14 -7.69 6.75
CA LEU B 181 -15.97 -6.66 7.42
C LEU B 181 -17.35 -6.65 6.86
N VAL B 182 -17.44 -6.64 5.53
CA VAL B 182 -18.73 -6.51 4.86
C VAL B 182 -18.79 -7.55 3.75
N SER B 183 -20.01 -7.80 3.28
CA SER B 183 -20.27 -8.81 2.29
C SER B 183 -21.23 -8.23 1.24
N PHE B 184 -21.04 -8.63 -0.02
CA PHE B 184 -21.94 -8.28 -1.12
C PHE B 184 -22.32 -9.53 -1.90
N ASP B 185 -23.58 -9.57 -2.33
CA ASP B 185 -24.04 -10.60 -3.26
CA ASP B 185 -24.04 -10.59 -3.27
C ASP B 185 -23.48 -10.34 -4.66
N GLY B 186 -23.64 -11.30 -5.56
CA GLY B 186 -23.18 -11.12 -6.93
C GLY B 186 -21.78 -11.65 -7.18
N HIS B 187 -21.44 -11.80 -8.45
CA HIS B 187 -20.12 -12.30 -8.83
C HIS B 187 -19.18 -11.14 -9.03
N9 ADE C . 16.60 3.33 -7.59
C8 ADE C . 17.65 3.86 -8.23
N7 ADE C . 18.81 3.73 -7.54
C5 ADE C . 18.49 3.10 -6.39
C6 ADE C . 19.19 2.64 -5.19
N6 ADE C . 20.51 2.82 -5.04
N1 ADE C . 18.44 2.02 -4.23
C2 ADE C . 17.12 1.82 -4.33
N3 ADE C . 16.42 2.22 -5.37
C4 ADE C . 17.03 2.87 -6.41
NA NA D . -12.49 16.12 -10.38
CL CL E . 6.32 -0.27 -6.42
N9 ADE F . -13.88 -9.32 -8.30
C8 ADE F . -14.78 -10.23 -8.79
N7 ADE F . -16.06 -9.75 -8.71
C5 ADE F . -15.96 -8.49 -8.19
C6 ADE F . -16.92 -7.43 -7.89
N6 ADE F . -18.22 -7.61 -8.11
N1 ADE F . -16.45 -6.29 -7.40
C2 ADE F . -15.12 -6.10 -7.15
N3 ADE F . -14.15 -6.99 -7.41
C4 ADE F . -14.53 -8.21 -7.93
NA NA G . 13.07 -17.61 6.17
CL CL H . -4.24 -4.54 -6.76
#